data_3QBC
#
_entry.id   3QBC
#
_cell.length_a   36.790
_cell.length_b   76.566
_cell.length_c   51.522
_cell.angle_alpha   90.00
_cell.angle_beta   100.17
_cell.angle_gamma   90.00
#
_symmetry.space_group_name_H-M   'P 1 21 1'
#
loop_
_entity.id
_entity.type
_entity.pdbx_description
1 polymer '2-amino-4-hydroxy-6-hydroxymethyldihydropteridine pyrophosphokinase'
2 non-polymer 2-amino-8-sulfanyl-1,9-dihydro-6H-purin-6-one
3 water water
#
_entity_poly.entity_id   1
_entity_poly.type   'polypeptide(L)'
_entity_poly.pdbx_seq_one_letter_code
;GSHMIQAYLGLGSNIGDRESQLNDAIKILNEYDGISVSNISPIYETAPVGYTEQPNFLNLCVEIQTTLTVLQLLECCLKT
EECLHRIRKERWGPRTLDVDILLYGEEMIDLPKLSVPHPRMNERAFVLIPLNDIAANVVEPRSKLKVKDLVFVDDSVKRY
K
;
_entity_poly.pdbx_strand_id   A,B
#
# COMPACT_ATOMS: atom_id res chain seq x y z
N SER A 2 -6.63 24.48 -7.98
CA SER A 2 -6.45 24.73 -6.54
C SER A 2 -7.75 24.47 -5.79
N HIS A 3 -8.62 23.63 -6.40
CA HIS A 3 -9.82 23.02 -5.75
C HIS A 3 -9.39 22.23 -4.49
N MET A 4 -9.95 22.62 -3.34
CA MET A 4 -9.57 22.07 -2.07
C MET A 4 -10.49 20.90 -1.85
N ILE A 5 -9.90 19.77 -1.47
CA ILE A 5 -10.71 18.61 -1.15
CA ILE A 5 -10.64 18.55 -1.15
C ILE A 5 -10.52 18.28 0.34
N GLN A 6 -11.62 17.91 0.97
CA GLN A 6 -11.55 17.48 2.31
C GLN A 6 -11.34 15.97 2.24
N ALA A 7 -10.30 15.52 2.96
CA ALA A 7 -10.02 14.10 3.05
C ALA A 7 -9.82 13.67 4.52
N TYR A 8 -9.94 12.37 4.77
CA TYR A 8 -9.75 11.83 6.13
C TYR A 8 -8.75 10.71 6.02
N LEU A 9 -7.80 10.71 6.94
CA LEU A 9 -6.73 9.68 6.96
C LEU A 9 -6.86 8.94 8.29
N GLY A 10 -6.48 7.65 8.24
CA GLY A 10 -6.49 6.78 9.45
C GLY A 10 -5.00 6.53 9.81
N LEU A 11 -4.62 6.67 11.08
CA LEU A 11 -3.23 6.45 11.48
C LEU A 11 -3.18 5.48 12.65
N GLY A 12 -2.11 4.69 12.66
CA GLY A 12 -2.01 3.65 13.71
C GLY A 12 -0.59 3.31 14.01
N SER A 13 -0.30 2.93 15.27
CA SER A 13 1.07 2.45 15.62
C SER A 13 0.96 1.54 16.83
N ASN A 14 1.70 0.40 16.80
CA ASN A 14 1.69 -0.52 17.95
C ASN A 14 3.06 -0.83 18.56
N ILE A 15 4.10 -0.22 18.03
CA ILE A 15 5.44 -0.54 18.47
C ILE A 15 6.13 0.77 18.74
N GLY A 16 6.76 0.87 19.91
CA GLY A 16 7.56 2.08 20.22
C GLY A 16 6.75 3.10 20.95
N ASP A 17 7.13 4.37 20.82
CA ASP A 17 6.37 5.42 21.53
C ASP A 17 5.21 5.75 20.56
N ARG A 18 4.13 5.05 20.77
CA ARG A 18 2.99 5.02 19.81
C ARG A 18 2.39 6.41 19.71
N GLU A 19 2.21 7.11 20.83
CA GLU A 19 1.56 8.42 20.73
C GLU A 19 2.49 9.37 19.97
N SER A 20 3.78 9.28 20.26
CA SER A 20 4.74 10.11 19.57
CA SER A 20 4.77 10.07 19.54
C SER A 20 4.74 9.82 18.03
N GLN A 21 4.56 8.55 17.61
CA GLN A 21 4.51 8.23 16.19
C GLN A 21 3.34 8.91 15.47
N LEU A 22 2.17 8.85 16.14
CA LEU A 22 0.97 9.53 15.62
C LEU A 22 1.12 11.06 15.49
N ASN A 23 1.69 11.66 16.53
CA ASN A 23 1.89 13.08 16.58
C ASN A 23 2.84 13.53 15.54
N ASP A 24 3.88 12.70 15.32
CA ASP A 24 4.88 13.14 14.35
C ASP A 24 4.30 13.03 12.94
N ALA A 25 3.53 11.96 12.69
CA ALA A 25 2.96 11.75 11.36
C ALA A 25 2.07 12.94 11.05
N ILE A 26 1.33 13.44 12.03
CA ILE A 26 0.41 14.57 11.73
C ILE A 26 1.18 15.81 11.37
N LYS A 27 2.21 16.01 12.14
CA LYS A 27 3.11 17.13 11.86
C LYS A 27 3.77 17.08 10.50
N ILE A 28 4.29 15.92 10.14
CA ILE A 28 4.87 15.77 8.78
C ILE A 28 3.86 16.04 7.71
N LEU A 29 2.71 15.36 7.79
CA LEU A 29 1.69 15.63 6.76
C LEU A 29 1.29 17.10 6.60
N ASN A 30 1.15 17.80 7.69
CA ASN A 30 0.79 19.23 7.65
C ASN A 30 1.92 20.08 7.04
N GLU A 31 3.16 19.59 7.09
CA GLU A 31 4.31 20.33 6.51
C GLU A 31 4.30 20.34 4.96
N TYR A 32 3.63 19.38 4.31
CA TYR A 32 3.52 19.47 2.84
C TYR A 32 2.75 20.70 2.41
N ASP A 33 3.20 21.36 1.33
CA ASP A 33 2.52 22.56 0.88
C ASP A 33 1.01 22.30 0.58
N GLY A 34 0.72 21.15 -0.01
CA GLY A 34 -0.68 20.87 -0.46
C GLY A 34 -1.59 20.23 0.57
N ILE A 35 -1.12 20.11 1.81
CA ILE A 35 -1.95 19.49 2.86
C ILE A 35 -2.02 20.38 4.11
N SER A 36 -3.21 20.63 4.61
CA SER A 36 -3.37 21.34 5.86
C SER A 36 -4.23 20.45 6.79
N VAL A 37 -3.67 20.11 7.95
CA VAL A 37 -4.44 19.39 8.94
C VAL A 37 -5.40 20.33 9.64
N SER A 38 -6.68 19.98 9.58
CA SER A 38 -7.75 20.82 10.05
C SER A 38 -8.51 20.24 11.27
N ASN A 39 -8.45 18.92 11.52
CA ASN A 39 -9.06 18.42 12.78
C ASN A 39 -8.44 17.04 13.05
N ILE A 40 -8.45 16.68 14.31
CA ILE A 40 -7.81 15.42 14.76
C ILE A 40 -8.71 14.72 15.75
N SER A 41 -8.95 13.45 15.57
CA SER A 41 -9.78 12.75 16.49
C SER A 41 -9.02 12.48 17.82
N PRO A 42 -9.77 12.12 18.88
CA PRO A 42 -9.10 11.50 19.98
C PRO A 42 -8.37 10.22 19.58
N ILE A 43 -7.42 9.85 20.44
CA ILE A 43 -6.65 8.62 20.22
C ILE A 43 -7.43 7.51 20.90
N TYR A 44 -7.44 6.35 20.26
CA TYR A 44 -8.05 5.20 20.93
C TYR A 44 -7.02 4.10 20.95
N GLU A 45 -7.03 3.35 22.07
CA GLU A 45 -6.24 2.10 22.17
C GLU A 45 -7.09 1.00 21.71
N THR A 46 -6.51 0.16 20.83
CA THR A 46 -7.33 -0.84 20.15
C THR A 46 -6.65 -2.20 20.04
N ALA A 47 -7.41 -3.21 20.30
CA ALA A 47 -6.84 -4.56 20.21
C ALA A 47 -6.46 -4.82 18.75
N PRO A 48 -5.38 -5.60 18.56
CA PRO A 48 -4.85 -5.79 17.22
C PRO A 48 -5.78 -6.59 16.36
N VAL A 49 -5.89 -6.18 15.09
CA VAL A 49 -6.77 -6.89 14.15
C VAL A 49 -5.79 -7.56 13.15
N GLY A 50 -6.03 -8.83 12.80
CA GLY A 50 -5.14 -9.55 11.86
C GLY A 50 -4.40 -10.55 12.71
N TYR A 51 -3.13 -10.28 13.00
CA TYR A 51 -2.40 -11.20 13.90
C TYR A 51 -2.80 -10.81 15.34
N THR A 52 -3.23 -11.75 16.14
CA THR A 52 -3.55 -11.45 17.58
C THR A 52 -2.40 -11.41 18.55
N GLU A 53 -1.24 -12.05 18.27
CA GLU A 53 -0.12 -11.93 19.20
C GLU A 53 0.75 -10.79 18.73
N GLN A 54 0.32 -9.58 19.05
CA GLN A 54 1.17 -8.41 18.88
C GLN A 54 0.57 -7.28 19.74
N PRO A 55 1.29 -6.19 19.90
CA PRO A 55 0.79 -5.20 20.88
C PRO A 55 -0.45 -4.47 20.47
N ASN A 56 -1.14 -3.87 21.46
CA ASN A 56 -2.26 -3.08 21.10
C ASN A 56 -1.83 -1.86 20.30
N PHE A 57 -2.70 -1.43 19.39
CA PHE A 57 -2.47 -0.19 18.66
C PHE A 57 -2.98 1.05 19.35
N LEU A 58 -2.32 2.18 19.09
CA LEU A 58 -3.08 3.45 19.19
C LEU A 58 -3.49 3.85 17.76
N ASN A 59 -4.72 4.33 17.62
CA ASN A 59 -5.28 4.76 16.34
C ASN A 59 -5.94 6.12 16.50
N LEU A 60 -5.84 6.90 15.43
CA LEU A 60 -6.68 8.10 15.38
C LEU A 60 -7.06 8.33 13.93
N CYS A 61 -7.84 9.38 13.74
CA CYS A 61 -8.04 9.84 12.35
C CYS A 61 -7.80 11.34 12.27
N VAL A 62 -7.46 11.80 11.05
CA VAL A 62 -7.18 13.22 10.86
CA VAL A 62 -7.14 13.21 10.83
C VAL A 62 -7.98 13.71 9.65
N GLU A 63 -8.44 14.94 9.78
CA GLU A 63 -9.12 15.66 8.63
C GLU A 63 -8.09 16.58 8.01
N ILE A 64 -8.01 16.56 6.69
CA ILE A 64 -7.12 17.42 5.98
C ILE A 64 -7.87 18.19 4.90
N GLN A 65 -7.35 19.37 4.60
CA GLN A 65 -7.84 20.16 3.42
C GLN A 65 -6.65 20.04 2.49
N THR A 66 -6.88 19.50 1.30
CA THR A 66 -5.76 19.26 0.37
C THR A 66 -6.02 19.63 -1.07
N THR A 67 -5.00 20.22 -1.69
CA THR A 67 -5.03 20.44 -3.13
C THR A 67 -4.39 19.33 -3.91
N LEU A 68 -3.85 18.31 -3.26
CA LEU A 68 -3.25 17.20 -3.97
C LEU A 68 -4.27 16.22 -4.59
N THR A 69 -3.84 15.54 -5.65
CA THR A 69 -4.63 14.42 -6.20
C THR A 69 -4.57 13.28 -5.21
N VAL A 70 -5.51 12.35 -5.32
CA VAL A 70 -5.51 11.23 -4.39
C VAL A 70 -4.17 10.46 -4.46
N LEU A 71 -3.57 10.34 -5.65
CA LEU A 71 -2.31 9.58 -5.75
C LEU A 71 -1.16 10.43 -5.24
N GLN A 72 -1.23 11.75 -5.34
CA GLN A 72 -0.23 12.59 -4.71
C GLN A 72 -0.32 12.47 -3.16
N LEU A 73 -1.54 12.41 -2.66
CA LEU A 73 -1.79 12.26 -1.24
C LEU A 73 -1.22 10.92 -0.77
N LEU A 74 -1.44 9.87 -1.57
CA LEU A 74 -0.90 8.52 -1.21
C LEU A 74 0.62 8.56 -1.13
N GLU A 75 1.27 9.27 -2.09
CA GLU A 75 2.71 9.51 -2.00
C GLU A 75 3.19 10.14 -0.68
N CYS A 76 2.50 11.17 -0.23
CA CYS A 76 2.88 11.86 1.00
C CYS A 76 2.69 10.83 2.15
N CYS A 77 1.70 9.98 2.06
CA CYS A 77 1.40 9.03 3.15
C CYS A 77 2.51 8.00 3.20
N LEU A 78 2.94 7.51 2.04
N LEU A 78 2.90 7.51 2.00
CA LEU A 78 4.00 6.51 2.04
CA LEU A 78 4.00 6.57 1.81
C LEU A 78 5.36 7.11 2.49
C LEU A 78 5.28 7.11 2.44
N LYS A 79 5.61 8.35 2.11
N LYS A 79 5.62 8.34 2.07
CA LYS A 79 6.85 9.06 2.48
CA LYS A 79 6.87 8.99 2.50
C LYS A 79 6.91 9.30 4.00
C LYS A 79 6.89 9.11 4.03
N THR A 80 5.73 9.49 4.60
CA THR A 80 5.61 9.72 6.02
C THR A 80 5.81 8.37 6.75
N GLU A 81 5.21 7.29 6.24
CA GLU A 81 5.42 5.94 6.82
C GLU A 81 6.89 5.60 6.77
N GLU A 82 7.54 5.80 5.60
CA GLU A 82 8.97 5.40 5.46
C GLU A 82 9.86 6.08 6.53
N CYS A 83 9.61 7.37 6.68
CA CYS A 83 10.34 8.23 7.56
C CYS A 83 10.15 7.73 9.01
N LEU A 84 8.93 7.43 9.43
CA LEU A 84 8.73 7.11 10.83
C LEU A 84 8.95 5.65 11.13
N HIS A 85 9.41 4.93 10.12
CA HIS A 85 9.72 3.52 10.36
C HIS A 85 11.15 3.39 10.73
N ARG A 86 11.94 4.39 10.36
CA ARG A 86 13.42 4.37 10.60
C ARG A 86 13.84 3.99 12.02
N ILE A 87 14.84 3.14 12.15
CA ILE A 87 15.21 2.76 13.55
C ILE A 87 15.83 3.95 14.27
N ARG A 88 15.66 3.96 15.59
CA ARG A 88 16.46 4.86 16.37
C ARG A 88 17.71 4.07 16.83
N LYS A 89 17.52 3.02 17.61
CA LYS A 89 18.67 2.20 18.11
C LYS A 89 18.38 0.84 17.65
N GLU A 90 19.38 0.14 17.08
CA GLU A 90 19.13 -1.20 16.56
C GLU A 90 18.57 -2.10 17.67
N ARG A 91 19.15 -2.02 18.85
CA ARG A 91 18.70 -2.85 19.95
C ARG A 91 17.28 -2.50 20.46
N TRP A 92 16.75 -1.31 20.19
CA TRP A 92 15.36 -1.02 20.57
C TRP A 92 14.40 -1.52 19.52
N GLY A 93 14.88 -1.80 18.31
CA GLY A 93 14.05 -2.38 17.23
C GLY A 93 13.46 -1.31 16.32
N PRO A 94 12.73 -1.75 15.27
CA PRO A 94 12.08 -0.84 14.31
C PRO A 94 10.91 -0.10 14.95
N ARG A 95 10.43 0.94 14.28
CA ARG A 95 9.23 1.64 14.80
C ARG A 95 8.14 1.35 13.77
N THR A 96 6.87 1.40 14.17
CA THR A 96 5.78 1.25 13.21
C THR A 96 4.90 2.53 13.15
N LEU A 97 4.29 2.63 11.99
CA LEU A 97 3.30 3.66 11.72
C LEU A 97 2.60 3.29 10.43
N ASP A 98 1.28 3.28 10.44
N ASP A 98 1.28 3.29 10.48
CA ASP A 98 0.54 3.16 9.19
CA ASP A 98 0.48 3.16 9.27
C ASP A 98 -0.33 4.36 8.98
C ASP A 98 -0.18 4.51 9.01
N VAL A 99 -0.35 4.86 7.73
CA VAL A 99 -1.18 6.02 7.36
C VAL A 99 -2.02 5.64 6.15
N ASP A 100 -3.37 5.53 6.27
CA ASP A 100 -4.22 5.12 5.19
C ASP A 100 -5.18 6.23 4.78
N ILE A 101 -5.51 6.30 3.50
CA ILE A 101 -6.52 7.31 3.10
C ILE A 101 -7.87 6.71 3.26
N LEU A 102 -8.68 7.29 4.14
CA LEU A 102 -10.00 6.68 4.43
C LEU A 102 -11.07 7.22 3.48
N LEU A 103 -11.09 8.55 3.26
CA LEU A 103 -12.06 9.23 2.45
C LEU A 103 -11.40 10.37 1.73
N TYR A 104 -11.79 10.54 0.47
CA TYR A 104 -11.30 11.67 -0.30
C TYR A 104 -12.45 12.37 -0.93
N GLY A 105 -12.84 13.50 -0.36
CA GLY A 105 -14.12 14.18 -0.71
C GLY A 105 -15.20 13.15 -0.58
N GLU A 106 -16.05 13.13 -1.62
CA GLU A 106 -17.13 12.15 -1.68
C GLU A 106 -16.89 11.22 -2.81
N GLU A 107 -15.63 11.08 -3.22
CA GLU A 107 -15.24 10.28 -4.39
C GLU A 107 -15.02 8.81 -4.07
N MET A 108 -15.29 8.01 -5.09
N MET A 108 -15.36 7.92 -5.00
CA MET A 108 -14.99 6.59 -5.07
CA MET A 108 -15.00 6.50 -4.86
C MET A 108 -13.84 6.48 -6.04
C MET A 108 -14.02 6.19 -5.99
N ILE A 109 -12.80 5.81 -5.61
CA ILE A 109 -11.64 5.69 -6.51
C ILE A 109 -11.29 4.22 -6.51
N ASP A 110 -11.06 3.61 -7.67
CA ASP A 110 -10.77 2.19 -7.74
C ASP A 110 -9.67 2.00 -8.77
N LEU A 111 -8.43 1.97 -8.27
CA LEU A 111 -7.22 1.90 -9.09
C LEU A 111 -6.47 0.68 -8.63
N PRO A 112 -5.61 0.08 -9.51
CA PRO A 112 -4.83 -1.03 -9.02
C PRO A 112 -4.03 -0.65 -7.79
N LYS A 113 -3.52 0.58 -7.71
CA LYS A 113 -2.69 0.90 -6.57
C LYS A 113 -3.42 1.47 -5.36
N LEU A 114 -4.73 1.72 -5.50
CA LEU A 114 -5.42 2.43 -4.43
C LEU A 114 -6.90 2.32 -4.59
N SER A 115 -7.58 1.88 -3.52
N SER A 115 -7.56 1.96 -3.49
CA SER A 115 -9.03 2.02 -3.40
CA SER A 115 -9.02 1.94 -3.41
C SER A 115 -9.30 2.97 -2.24
C SER A 115 -9.47 2.83 -2.23
N VAL A 116 -10.15 3.93 -2.57
CA VAL A 116 -10.74 4.91 -1.59
C VAL A 116 -12.23 5.11 -1.94
N PRO A 117 -13.07 5.07 -0.94
CA PRO A 117 -12.81 4.70 0.39
C PRO A 117 -12.16 3.37 0.54
N HIS A 118 -11.37 3.37 1.58
CA HIS A 118 -10.64 2.19 2.00
C HIS A 118 -11.70 1.05 1.93
N PRO A 119 -11.40 -0.03 1.20
CA PRO A 119 -12.46 -1.06 0.87
C PRO A 119 -13.10 -1.93 2.01
N ARG A 120 -12.34 -2.18 3.06
CA ARG A 120 -12.87 -2.99 4.18
C ARG A 120 -12.92 -2.13 5.47
N MET A 121 -12.84 -0.82 5.30
CA MET A 121 -12.79 0.09 6.40
C MET A 121 -14.08 0.00 7.25
N ASN A 122 -15.17 -0.39 6.62
CA ASN A 122 -16.40 -0.52 7.41
C ASN A 122 -16.40 -1.71 8.36
N GLU A 123 -15.41 -2.60 8.22
CA GLU A 123 -15.22 -3.74 9.14
C GLU A 123 -14.48 -3.31 10.43
N ARG A 124 -13.81 -2.14 10.38
N ARG A 124 -13.82 -2.15 10.36
CA ARG A 124 -12.84 -1.83 11.42
CA ARG A 124 -12.81 -1.76 11.34
C ARG A 124 -13.23 -0.75 12.40
C ARG A 124 -13.31 -0.74 12.37
N ALA A 125 -13.56 -1.17 13.61
CA ALA A 125 -13.93 -0.23 14.64
C ALA A 125 -12.78 0.72 14.94
N PHE A 126 -11.53 0.25 14.76
CA PHE A 126 -10.41 1.14 15.10
C PHE A 126 -10.32 2.29 14.12
N VAL A 127 -11.00 2.17 12.97
CA VAL A 127 -11.17 3.26 12.02
C VAL A 127 -12.43 4.02 12.37
N LEU A 128 -13.59 3.33 12.35
CA LEU A 128 -14.85 4.08 12.41
C LEU A 128 -15.07 4.82 13.73
N ILE A 129 -14.58 4.31 14.87
CA ILE A 129 -14.84 5.04 16.12
C ILE A 129 -14.13 6.38 16.15
N PRO A 130 -12.81 6.41 15.87
CA PRO A 130 -12.26 7.77 15.87
C PRO A 130 -12.72 8.56 14.65
N LEU A 131 -13.01 7.90 13.54
CA LEU A 131 -13.55 8.66 12.38
C LEU A 131 -14.84 9.40 12.75
N ASN A 132 -15.72 8.73 13.53
CA ASN A 132 -16.98 9.32 13.92
C ASN A 132 -16.82 10.57 14.75
N ASP A 133 -15.70 10.74 15.44
CA ASP A 133 -15.47 11.94 16.24
C ASP A 133 -15.23 13.16 15.42
N ILE A 134 -14.79 13.00 14.16
CA ILE A 134 -14.47 14.15 13.30
C ILE A 134 -15.18 14.15 11.96
N ALA A 135 -15.85 13.06 11.59
CA ALA A 135 -16.48 12.94 10.26
C ALA A 135 -17.89 12.29 10.35
N ALA A 136 -18.58 12.54 11.47
CA ALA A 136 -19.86 11.83 11.77
C ALA A 136 -20.83 12.00 10.57
N ASN A 137 -20.90 13.19 10.02
CA ASN A 137 -21.82 13.49 8.93
C ASN A 137 -21.33 13.33 7.52
N VAL A 138 -20.16 12.73 7.35
CA VAL A 138 -19.64 12.52 6.01
C VAL A 138 -20.18 11.23 5.46
N VAL A 139 -20.67 11.28 4.22
CA VAL A 139 -21.22 10.03 3.59
C VAL A 139 -20.07 9.20 3.05
N GLU A 140 -20.03 7.93 3.44
CA GLU A 140 -19.07 6.95 2.92
C GLU A 140 -19.71 6.39 1.67
N PRO A 141 -19.12 6.66 0.52
CA PRO A 141 -19.80 6.47 -0.75
C PRO A 141 -20.02 5.03 -1.18
N ARG A 142 -19.31 4.05 -0.61
CA ARG A 142 -19.57 2.67 -1.11
C ARG A 142 -20.94 2.28 -0.55
N SER A 143 -21.10 2.45 0.77
CA SER A 143 -22.30 2.04 1.50
C SER A 143 -23.44 3.03 1.39
N LYS A 144 -23.13 4.30 1.10
CA LYS A 144 -24.09 5.42 1.15
C LYS A 144 -24.60 5.76 2.58
N LEU A 145 -23.87 5.32 3.59
N LEU A 145 -23.88 5.32 3.60
CA LEU A 145 -24.16 5.63 4.98
CA LEU A 145 -24.23 5.65 4.98
C LEU A 145 -23.21 6.75 5.42
C LEU A 145 -23.22 6.64 5.53
N LYS A 146 -23.71 7.61 6.29
CA LYS A 146 -22.81 8.57 6.96
C LYS A 146 -22.01 7.76 7.97
N VAL A 147 -20.82 8.26 8.30
CA VAL A 147 -19.98 7.56 9.27
C VAL A 147 -20.72 7.31 10.57
N LYS A 148 -21.49 8.27 11.04
CA LYS A 148 -22.26 8.10 12.27
C LYS A 148 -23.25 6.91 12.25
N ASP A 149 -23.61 6.48 11.07
CA ASP A 149 -24.52 5.34 10.91
C ASP A 149 -23.81 4.04 10.64
N LEU A 150 -22.57 4.12 10.16
CA LEU A 150 -21.71 2.93 9.97
C LEU A 150 -21.10 2.45 11.27
N VAL A 151 -20.79 3.41 12.14
CA VAL A 151 -20.09 3.07 13.36
C VAL A 151 -20.84 2.09 14.25
N PHE A 152 -20.10 1.18 14.86
CA PHE A 152 -20.72 0.21 15.78
C PHE A 152 -19.94 0.06 17.10
N VAL A 153 -20.63 -0.43 18.12
CA VAL A 153 -19.99 -0.73 19.41
C VAL A 153 -18.92 -1.80 19.28
N ASP A 154 -17.75 -1.53 19.88
CA ASP A 154 -16.72 -2.55 19.93
C ASP A 154 -15.93 -2.32 21.18
N ASP A 155 -16.07 -3.21 22.13
CA ASP A 155 -15.35 -3.09 23.40
C ASP A 155 -13.83 -3.24 23.32
N SER A 156 -13.31 -3.61 22.15
CA SER A 156 -11.88 -3.71 22.01
C SER A 156 -11.26 -2.34 21.61
N VAL A 157 -12.11 -1.30 21.47
CA VAL A 157 -11.61 0.02 21.13
C VAL A 157 -12.01 0.96 22.28
N LYS A 158 -11.02 1.58 22.90
CA LYS A 158 -11.25 2.38 24.10
C LYS A 158 -10.48 3.69 23.97
N ARG A 159 -11.09 4.81 24.43
CA ARG A 159 -10.37 6.06 24.38
C ARG A 159 -9.07 5.96 25.21
N TYR A 160 -7.97 6.48 24.67
CA TYR A 160 -6.65 6.33 25.30
C TYR A 160 -6.43 7.42 26.34
N LYS A 161 -6.77 8.64 25.96
CA LYS A 161 -6.75 9.86 26.82
C LYS A 161 -7.93 10.73 26.42
N GLY B 1 19.98 -20.03 8.89
CA GLY B 1 19.41 -20.36 10.22
C GLY B 1 17.90 -20.31 10.21
N SER B 2 17.30 -19.97 9.07
CA SER B 2 15.85 -19.85 9.05
C SER B 2 15.16 -20.19 7.72
N HIS B 3 13.92 -20.63 7.85
CA HIS B 3 12.99 -21.00 6.78
C HIS B 3 12.88 -20.00 5.64
N MET B 4 13.14 -20.51 4.42
CA MET B 4 13.12 -19.73 3.21
C MET B 4 11.73 -19.83 2.55
N ILE B 5 11.14 -18.67 2.19
CA ILE B 5 9.81 -18.63 1.60
C ILE B 5 10.06 -18.12 0.17
N GLN B 6 9.33 -18.74 -0.74
CA GLN B 6 9.38 -18.29 -2.12
C GLN B 6 8.20 -17.34 -2.32
N ALA B 7 8.49 -16.13 -2.75
CA ALA B 7 7.42 -15.16 -2.95
C ALA B 7 7.62 -14.50 -4.32
N TYR B 8 6.60 -13.76 -4.80
CA TYR B 8 6.65 -13.19 -6.13
C TYR B 8 6.19 -11.79 -5.93
N LEU B 9 6.97 -10.87 -6.50
CA LEU B 9 6.59 -9.48 -6.49
C LEU B 9 6.26 -8.97 -7.85
N GLY B 10 5.41 -7.92 -7.87
CA GLY B 10 4.98 -7.31 -9.11
C GLY B 10 5.59 -5.92 -9.07
N LEU B 11 6.26 -5.50 -10.17
CA LEU B 11 6.81 -4.14 -10.29
C LEU B 11 6.28 -3.41 -11.48
N GLY B 12 6.09 -2.10 -11.33
CA GLY B 12 5.55 -1.28 -12.48
C GLY B 12 6.07 0.11 -12.43
N SER B 13 6.17 0.76 -13.60
CA SER B 13 6.58 2.15 -13.67
C SER B 13 6.01 2.74 -14.95
N ASN B 14 5.44 3.94 -14.87
CA ASN B 14 5.00 4.65 -16.11
C ASN B 14 5.49 6.05 -16.26
N ILE B 15 6.31 6.54 -15.35
CA ILE B 15 6.74 7.94 -15.46
C ILE B 15 8.19 7.90 -15.18
N GLY B 16 8.94 8.43 -16.13
CA GLY B 16 10.40 8.54 -15.99
C GLY B 16 11.03 7.46 -16.86
N ASP B 17 12.30 7.13 -16.56
CA ASP B 17 13.01 6.11 -17.29
C ASP B 17 12.54 4.78 -16.72
N ARG B 18 11.54 4.22 -17.36
CA ARG B 18 10.77 3.12 -16.72
C ARG B 18 11.62 1.90 -16.59
N GLU B 19 12.41 1.62 -17.60
CA GLU B 19 13.21 0.41 -17.57
C GLU B 19 14.27 0.51 -16.44
N SER B 20 14.87 1.69 -16.35
N SER B 20 14.86 1.71 -16.33
CA SER B 20 15.87 1.92 -15.30
CA SER B 20 15.87 1.98 -15.29
C SER B 20 15.31 1.83 -13.94
C SER B 20 15.29 1.81 -13.92
N GLN B 21 14.07 2.33 -13.73
CA GLN B 21 13.36 2.23 -12.49
C GLN B 21 13.25 0.74 -12.09
N LEU B 22 12.87 -0.11 -13.05
CA LEU B 22 12.66 -1.54 -12.73
C LEU B 22 13.97 -2.20 -12.40
N ASN B 23 14.98 -1.94 -13.22
CA ASN B 23 16.31 -2.49 -12.93
C ASN B 23 16.89 -2.01 -11.65
N ASP B 24 16.72 -0.74 -11.29
CA ASP B 24 17.24 -0.28 -9.99
C ASP B 24 16.49 -0.96 -8.81
N ALA B 25 15.17 -1.13 -8.93
CA ALA B 25 14.39 -1.71 -7.85
C ALA B 25 14.88 -3.15 -7.65
N ILE B 26 15.10 -3.91 -8.75
CA ILE B 26 15.59 -5.30 -8.62
C ILE B 26 16.92 -5.39 -7.87
N LYS B 27 17.84 -4.47 -8.19
N LYS B 27 17.83 -4.48 -8.19
CA LYS B 27 19.12 -4.39 -7.49
CA LYS B 27 19.11 -4.43 -7.52
C LYS B 27 18.93 -4.12 -6.02
C LYS B 27 18.99 -4.07 -6.04
N ILE B 28 18.08 -3.15 -5.73
CA ILE B 28 17.85 -2.73 -4.32
C ILE B 28 17.23 -3.94 -3.57
N LEU B 29 16.26 -4.62 -4.20
CA LEU B 29 15.62 -5.79 -3.55
C LEU B 29 16.60 -6.90 -3.25
N ASN B 30 17.45 -7.21 -4.24
CA ASN B 30 18.44 -8.32 -4.13
C ASN B 30 19.49 -8.00 -3.10
N GLU B 31 19.78 -6.70 -2.89
CA GLU B 31 20.84 -6.37 -1.92
C GLU B 31 20.37 -6.30 -0.46
N TYR B 32 19.04 -6.36 -0.20
CA TYR B 32 18.50 -6.43 1.17
C TYR B 32 18.89 -7.74 1.79
N ASP B 33 19.29 -7.61 3.04
CA ASP B 33 19.59 -8.70 3.86
C ASP B 33 18.25 -9.43 4.04
N GLY B 34 18.25 -10.69 3.67
CA GLY B 34 17.06 -11.55 3.82
C GLY B 34 16.20 -11.72 2.58
N ILE B 35 16.62 -11.07 1.47
CA ILE B 35 15.97 -11.26 0.15
C ILE B 35 17.05 -11.61 -0.87
N SER B 36 16.77 -12.64 -1.68
CA SER B 36 17.63 -12.92 -2.88
C SER B 36 16.66 -13.02 -4.09
N VAL B 37 16.96 -12.26 -5.16
CA VAL B 37 16.17 -12.34 -6.37
C VAL B 37 16.62 -13.58 -7.13
N SER B 38 15.72 -14.53 -7.33
CA SER B 38 16.07 -15.75 -7.99
C SER B 38 15.56 -15.92 -9.42
N ASN B 39 14.65 -15.06 -9.83
CA ASN B 39 14.21 -15.14 -11.24
C ASN B 39 13.46 -13.88 -11.55
N ILE B 40 13.48 -13.50 -12.83
N ILE B 40 13.45 -13.52 -12.81
CA ILE B 40 12.87 -12.23 -13.29
CA ILE B 40 12.71 -12.35 -13.22
C ILE B 40 12.08 -12.47 -14.57
C ILE B 40 11.97 -12.65 -14.49
N SER B 41 10.82 -12.02 -14.66
CA SER B 41 10.05 -12.15 -15.89
C SER B 41 10.59 -11.24 -16.95
N PRO B 42 10.20 -11.47 -18.21
CA PRO B 42 10.46 -10.45 -19.19
C PRO B 42 9.65 -9.17 -18.83
N ILE B 43 10.10 -8.03 -19.40
CA ILE B 43 9.34 -6.75 -19.17
C ILE B 43 8.22 -6.73 -20.19
N TYR B 44 7.05 -6.27 -19.72
CA TYR B 44 5.91 -6.05 -20.62
C TYR B 44 5.53 -4.57 -20.60
N GLU B 45 5.29 -4.03 -21.81
CA GLU B 45 4.65 -2.68 -21.89
C GLU B 45 3.13 -2.89 -21.86
N THR B 46 2.42 -2.06 -21.07
CA THR B 46 1.06 -2.39 -20.76
C THR B 46 0.19 -1.12 -20.72
N ALA B 47 -0.95 -1.21 -21.32
CA ALA B 47 -1.87 -0.06 -21.31
C ALA B 47 -2.32 0.18 -19.86
N PRO B 48 -2.46 1.44 -19.45
CA PRO B 48 -2.78 1.74 -18.07
C PRO B 48 -4.20 1.34 -17.68
N VAL B 49 -4.29 0.76 -16.48
CA VAL B 49 -5.54 0.26 -15.89
C VAL B 49 -5.84 1.30 -14.75
N GLY B 50 -7.10 1.76 -14.72
CA GLY B 50 -7.53 2.80 -13.79
C GLY B 50 -7.75 4.03 -14.68
N TYR B 51 -6.94 5.04 -14.51
CA TYR B 51 -7.06 6.22 -15.34
C TYR B 51 -6.53 5.92 -16.78
N THR B 52 -7.36 6.21 -17.78
N THR B 52 -7.29 6.28 -17.80
CA THR B 52 -6.98 6.15 -19.24
CA THR B 52 -6.85 6.06 -19.17
C THR B 52 -5.83 7.08 -19.63
C THR B 52 -5.87 7.10 -19.72
N GLU B 53 -5.93 8.32 -19.19
CA GLU B 53 -5.01 9.37 -19.57
C GLU B 53 -3.81 9.39 -18.73
N GLN B 54 -2.85 8.49 -19.06
CA GLN B 54 -1.58 8.50 -18.40
C GLN B 54 -0.67 7.55 -19.22
N PRO B 55 0.61 7.62 -19.00
CA PRO B 55 1.52 6.83 -19.88
C PRO B 55 1.47 5.36 -19.70
N ASN B 56 1.89 4.64 -20.76
CA ASN B 56 1.91 3.17 -20.67
C ASN B 56 2.89 2.79 -19.61
N PHE B 57 2.57 1.69 -18.92
CA PHE B 57 3.52 1.11 -17.91
C PHE B 57 4.50 0.12 -18.53
N LEU B 58 5.61 -0.01 -17.87
CA LEU B 58 6.40 -1.27 -18.00
C LEU B 58 6.16 -2.01 -16.69
N ASN B 59 5.92 -3.32 -16.86
CA ASN B 59 5.60 -4.22 -15.73
C ASN B 59 6.48 -5.43 -15.83
N LEU B 60 6.90 -5.92 -14.67
CA LEU B 60 7.51 -7.29 -14.66
C LEU B 60 7.18 -7.95 -13.34
N CYS B 61 7.58 -9.20 -13.20
CA CYS B 61 7.45 -9.81 -11.88
C CYS B 61 8.78 -10.37 -11.54
N VAL B 62 9.07 -10.50 -10.22
N VAL B 62 8.96 -10.62 -10.25
CA VAL B 62 10.30 -11.17 -9.78
CA VAL B 62 10.19 -11.14 -9.72
C VAL B 62 10.01 -12.21 -8.73
C VAL B 62 9.83 -12.34 -8.84
N GLU B 63 10.73 -13.32 -8.85
CA GLU B 63 10.70 -14.41 -7.81
C GLU B 63 11.77 -14.05 -6.81
N ILE B 64 11.43 -14.22 -5.51
CA ILE B 64 12.41 -14.07 -4.46
C ILE B 64 12.43 -15.25 -3.51
N GLN B 65 13.59 -15.44 -2.91
CA GLN B 65 13.78 -16.42 -1.77
C GLN B 65 14.07 -15.51 -0.60
N THR B 66 13.25 -15.63 0.42
CA THR B 66 13.32 -14.72 1.53
C THR B 66 13.10 -15.37 2.87
N THR B 67 13.85 -14.89 3.84
CA THR B 67 13.63 -15.30 5.22
C THR B 67 12.83 -14.27 5.97
N LEU B 68 12.46 -13.20 5.28
CA LEU B 68 11.69 -12.14 5.92
C LEU B 68 10.22 -12.53 6.15
N THR B 69 9.62 -12.00 7.23
CA THR B 69 8.17 -12.20 7.40
C THR B 69 7.43 -11.35 6.31
N VAL B 70 6.14 -11.63 6.09
CA VAL B 70 5.45 -10.92 4.99
C VAL B 70 5.46 -9.39 5.30
N LEU B 71 5.41 -8.99 6.57
CA LEU B 71 5.42 -7.55 6.94
C LEU B 71 6.82 -6.88 6.82
N GLN B 72 7.86 -7.63 7.12
CA GLN B 72 9.21 -7.13 6.90
C GLN B 72 9.44 -6.99 5.37
N LEU B 73 8.89 -7.94 4.65
CA LEU B 73 8.95 -7.89 3.17
C LEU B 73 8.22 -6.68 2.64
N LEU B 74 6.97 -6.48 3.08
CA LEU B 74 6.24 -5.20 2.75
C LEU B 74 7.10 -3.97 3.07
N GLU B 75 7.83 -3.97 4.21
CA GLU B 75 8.73 -2.84 4.58
C GLU B 75 9.82 -2.59 3.59
N CYS B 76 10.49 -3.65 3.15
N CYS B 76 10.49 -3.65 3.20
CA CYS B 76 11.49 -3.51 2.12
CA CYS B 76 11.47 -3.59 2.13
C CYS B 76 10.90 -2.96 0.83
C CYS B 76 10.90 -2.96 0.85
N CYS B 77 9.71 -3.42 0.45
CA CYS B 77 9.02 -2.91 -0.78
C CYS B 77 8.76 -1.40 -0.68
N LEU B 78 8.23 -1.00 0.48
CA LEU B 78 8.03 0.46 0.77
C LEU B 78 9.34 1.24 0.72
N LYS B 79 10.41 0.73 1.33
CA LYS B 79 11.69 1.45 1.33
C LYS B 79 12.19 1.56 -0.14
N THR B 80 11.98 0.51 -0.91
CA THR B 80 12.48 0.54 -2.30
C THR B 80 11.72 1.59 -3.11
N GLU B 81 10.40 1.63 -2.95
CA GLU B 81 9.49 2.62 -3.61
C GLU B 81 9.94 4.02 -3.22
N GLU B 82 10.04 4.26 -1.91
CA GLU B 82 10.26 5.66 -1.43
C GLU B 82 11.56 6.16 -2.05
N CYS B 83 12.57 5.29 -2.06
CA CYS B 83 13.86 5.53 -2.66
C CYS B 83 13.80 5.92 -4.15
N LEU B 84 13.01 5.18 -4.91
CA LEU B 84 12.92 5.37 -6.36
C LEU B 84 11.85 6.39 -6.80
N HIS B 85 11.21 7.04 -5.82
CA HIS B 85 10.34 8.16 -6.17
C HIS B 85 11.04 9.50 -5.92
N ARG B 86 12.23 9.47 -5.32
CA ARG B 86 12.95 10.72 -4.97
C ARG B 86 13.24 11.57 -6.21
N ILE B 87 12.90 12.86 -6.14
CA ILE B 87 13.08 13.79 -7.26
C ILE B 87 14.56 13.90 -7.61
N ARG B 88 14.85 13.72 -8.89
CA ARG B 88 16.20 13.81 -9.42
C ARG B 88 16.28 15.10 -10.21
N LYS B 89 15.44 16.09 -9.86
CA LYS B 89 15.33 17.42 -10.55
CA LYS B 89 15.31 17.39 -10.55
C LYS B 89 13.86 17.86 -10.44
N GLU B 90 13.61 18.97 -9.72
CA GLU B 90 12.20 19.43 -9.53
C GLU B 90 11.47 19.58 -10.86
N ARG B 91 12.16 20.20 -11.82
CA ARG B 91 11.72 20.43 -13.23
C ARG B 91 11.10 19.23 -13.90
N TRP B 92 11.77 18.07 -13.76
CA TRP B 92 11.28 16.78 -14.27
C TRP B 92 10.08 16.25 -13.54
N GLY B 93 10.04 16.47 -12.25
CA GLY B 93 8.94 16.01 -11.46
C GLY B 93 9.15 14.53 -11.19
N PRO B 94 8.13 13.90 -10.58
CA PRO B 94 8.24 12.60 -9.99
C PRO B 94 8.56 11.50 -10.98
N ARG B 95 9.13 10.43 -10.45
CA ARG B 95 9.22 9.22 -11.24
C ARG B 95 8.42 8.22 -10.45
N THR B 96 7.85 7.23 -11.10
CA THR B 96 7.03 6.34 -10.33
C THR B 96 7.69 4.95 -10.34
N LEU B 97 7.36 4.22 -9.29
CA LEU B 97 7.75 2.80 -9.16
C LEU B 97 6.89 2.20 -8.06
N ASP B 98 6.19 1.12 -8.41
CA ASP B 98 5.37 0.35 -7.48
C ASP B 98 5.97 -1.05 -7.36
N VAL B 99 6.04 -1.54 -6.13
CA VAL B 99 6.45 -2.88 -5.86
C VAL B 99 5.35 -3.48 -4.97
N ASP B 100 4.66 -4.51 -5.46
CA ASP B 100 3.59 -5.17 -4.73
C ASP B 100 3.93 -6.63 -4.43
N ILE B 101 3.46 -7.13 -3.29
CA ILE B 101 3.65 -8.58 -3.00
C ILE B 101 2.52 -9.33 -3.60
N LEU B 102 2.82 -10.14 -4.61
CA LEU B 102 1.72 -10.89 -5.29
C LEU B 102 1.40 -12.21 -4.60
N LEU B 103 2.44 -13.00 -4.24
CA LEU B 103 2.26 -14.30 -3.64
C LEU B 103 3.34 -14.44 -2.59
N TYR B 104 3.04 -15.12 -1.46
CA TYR B 104 4.08 -15.31 -0.44
C TYR B 104 3.93 -16.76 0.00
N GLY B 105 4.83 -17.62 -0.48
CA GLY B 105 4.68 -19.09 -0.35
C GLY B 105 3.38 -19.48 -0.90
N GLU B 106 2.62 -20.27 -0.13
CA GLU B 106 1.24 -20.64 -0.53
C GLU B 106 0.21 -20.05 0.42
N GLU B 107 0.66 -19.04 1.18
N GLU B 107 0.65 -19.01 1.15
CA GLU B 107 -0.08 -18.48 2.29
CA GLU B 107 -0.07 -18.42 2.27
C GLU B 107 -1.12 -17.49 1.79
C GLU B 107 -1.15 -17.48 1.76
N MET B 108 -2.24 -17.38 2.51
CA MET B 108 -3.21 -16.31 2.27
CA MET B 108 -3.17 -16.29 2.27
C MET B 108 -3.04 -15.38 3.47
N ILE B 109 -2.83 -14.10 3.21
CA ILE B 109 -2.59 -13.16 4.27
C ILE B 109 -3.69 -12.10 4.20
N ASP B 110 -4.42 -11.97 5.31
CA ASP B 110 -5.51 -11.01 5.34
C ASP B 110 -5.32 -10.05 6.54
N LEU B 111 -4.68 -8.90 6.30
CA LEU B 111 -4.39 -7.98 7.46
C LEU B 111 -4.88 -6.60 7.06
N PRO B 112 -5.20 -5.75 8.03
CA PRO B 112 -5.65 -4.45 7.57
C PRO B 112 -4.60 -3.75 6.68
N LYS B 113 -3.33 -3.99 6.92
CA LYS B 113 -2.22 -3.29 6.26
C LYS B 113 -1.91 -3.98 4.91
N LEU B 114 -2.34 -5.21 4.77
CA LEU B 114 -1.85 -6.01 3.62
C LEU B 114 -2.68 -7.23 3.36
N SER B 115 -3.01 -7.42 2.08
CA SER B 115 -3.61 -8.63 1.59
C SER B 115 -2.70 -9.24 0.53
N VAL B 116 -2.40 -10.51 0.74
CA VAL B 116 -1.59 -11.28 -0.22
C VAL B 116 -2.36 -12.59 -0.47
N PRO B 117 -2.67 -12.86 -1.77
CA PRO B 117 -2.52 -11.98 -2.96
C PRO B 117 -3.50 -10.82 -2.92
N HIS B 118 -3.28 -9.73 -3.65
CA HIS B 118 -4.29 -8.63 -3.81
C HIS B 118 -5.61 -9.26 -4.29
N PRO B 119 -6.76 -8.87 -3.66
CA PRO B 119 -7.99 -9.55 -4.03
C PRO B 119 -8.35 -9.45 -5.52
N ARG B 120 -7.71 -8.56 -6.27
CA ARG B 120 -8.09 -8.35 -7.68
C ARG B 120 -6.95 -8.65 -8.67
N MET B 121 -5.90 -9.27 -8.18
CA MET B 121 -4.80 -9.61 -8.99
C MET B 121 -5.17 -10.42 -10.23
N ASN B 122 -6.08 -11.36 -10.00
CA ASN B 122 -6.52 -12.26 -11.07
C ASN B 122 -7.27 -11.55 -12.21
N GLU B 123 -7.63 -10.26 -12.06
CA GLU B 123 -8.16 -9.67 -13.25
C GLU B 123 -7.16 -8.79 -14.01
N ARG B 124 -5.88 -8.80 -13.59
CA ARG B 124 -4.87 -7.88 -14.12
CA ARG B 124 -4.92 -7.87 -14.18
C ARG B 124 -3.92 -8.60 -15.07
N ALA B 125 -4.10 -8.44 -16.39
CA ALA B 125 -3.18 -9.05 -17.28
C ALA B 125 -1.79 -8.55 -17.07
N PHE B 126 -1.66 -7.31 -16.60
CA PHE B 126 -0.31 -6.78 -16.44
C PHE B 126 0.49 -7.48 -15.29
N VAL B 127 -0.25 -8.16 -14.41
N VAL B 127 -0.19 -8.23 -14.43
CA VAL B 127 0.35 -9.04 -13.45
CA VAL B 127 0.50 -9.08 -13.49
C VAL B 127 0.52 -10.46 -14.02
C VAL B 127 0.52 -10.53 -13.94
N LEU B 128 -0.62 -11.06 -14.39
CA LEU B 128 -0.67 -12.48 -14.68
C LEU B 128 0.21 -12.88 -15.85
N ILE B 129 0.28 -12.07 -16.92
CA ILE B 129 1.14 -12.45 -18.06
CA ILE B 129 1.15 -12.44 -18.05
C ILE B 129 2.64 -12.57 -17.63
N PRO B 130 3.25 -11.50 -17.02
CA PRO B 130 4.67 -11.70 -16.66
C PRO B 130 4.76 -12.72 -15.50
N LEU B 131 3.72 -12.86 -14.68
CA LEU B 131 3.82 -13.81 -13.52
C LEU B 131 3.86 -15.25 -14.10
N ASN B 132 3.08 -15.51 -15.13
CA ASN B 132 3.05 -16.83 -15.79
C ASN B 132 4.39 -17.19 -16.40
N ASP B 133 5.22 -16.21 -16.74
CA ASP B 133 6.53 -16.51 -17.27
C ASP B 133 7.48 -17.12 -16.26
N ILE B 134 7.24 -16.86 -14.98
CA ILE B 134 8.11 -17.35 -13.92
C ILE B 134 7.44 -18.19 -12.85
N ALA B 135 6.11 -18.24 -12.86
CA ALA B 135 5.42 -18.86 -11.72
C ALA B 135 4.23 -19.66 -12.27
N ALA B 136 4.35 -20.16 -13.51
CA ALA B 136 3.22 -20.83 -14.17
C ALA B 136 2.59 -21.91 -13.26
N ASN B 137 3.45 -22.66 -12.56
CA ASN B 137 2.92 -23.76 -11.78
C ASN B 137 2.58 -23.46 -10.31
N VAL B 138 2.61 -22.18 -9.90
CA VAL B 138 2.34 -21.83 -8.51
C VAL B 138 0.87 -21.64 -8.29
N VAL B 139 0.35 -22.16 -7.17
CA VAL B 139 -1.05 -22.08 -6.88
C VAL B 139 -1.35 -20.76 -6.25
N GLU B 140 -2.31 -20.05 -6.81
CA GLU B 140 -2.85 -18.83 -6.26
C GLU B 140 -3.86 -19.27 -5.18
N PRO B 141 -3.55 -19.08 -3.89
CA PRO B 141 -4.38 -19.59 -2.76
C PRO B 141 -5.85 -19.17 -2.63
N ARG B 142 -6.24 -17.96 -3.08
CA ARG B 142 -7.66 -17.53 -2.98
C ARG B 142 -8.53 -18.40 -3.91
N SER B 143 -8.14 -18.45 -5.19
CA SER B 143 -8.90 -19.22 -6.19
C SER B 143 -8.53 -20.70 -6.12
N LYS B 144 -7.37 -21.01 -5.55
CA LYS B 144 -6.80 -22.39 -5.57
C LYS B 144 -6.41 -22.90 -6.96
N LEU B 145 -6.42 -22.00 -7.95
N LEU B 145 -6.41 -22.02 -7.96
CA LEU B 145 -5.93 -22.29 -9.31
CA LEU B 145 -5.95 -22.35 -9.32
C LEU B 145 -4.43 -21.98 -9.45
C LEU B 145 -4.49 -21.92 -9.54
N LYS B 146 -3.77 -22.65 -10.40
CA LYS B 146 -2.38 -22.27 -10.74
C LYS B 146 -2.36 -21.04 -11.65
N VAL B 147 -1.27 -20.29 -11.61
CA VAL B 147 -1.19 -19.09 -12.41
C VAL B 147 -1.45 -19.43 -13.87
N LYS B 148 -0.93 -20.56 -14.33
CA LYS B 148 -1.19 -20.95 -15.69
C LYS B 148 -2.67 -21.19 -15.99
N ASP B 149 -3.52 -21.44 -14.99
CA ASP B 149 -4.96 -21.60 -15.23
C ASP B 149 -5.66 -20.24 -15.13
N LEU B 150 -4.99 -19.24 -14.55
CA LEU B 150 -5.57 -17.91 -14.44
C LEU B 150 -5.24 -16.96 -15.61
N VAL B 151 -4.05 -17.09 -16.15
CA VAL B 151 -3.61 -16.16 -17.16
C VAL B 151 -4.52 -16.19 -18.41
N PHE B 152 -4.74 -15.01 -18.97
CA PHE B 152 -5.62 -14.86 -20.11
C PHE B 152 -5.03 -13.94 -21.19
N VAL B 153 -5.51 -14.06 -22.42
CA VAL B 153 -4.98 -13.25 -23.52
C VAL B 153 -5.39 -11.77 -23.33
N ASP B 154 -4.45 -10.86 -23.53
CA ASP B 154 -4.78 -9.45 -23.46
C ASP B 154 -3.84 -8.76 -24.40
N ASP B 155 -4.35 -8.15 -25.44
N ASP B 155 -4.37 -8.18 -25.48
CA ASP B 155 -3.52 -7.49 -26.43
CA ASP B 155 -3.53 -7.47 -26.45
C ASP B 155 -3.07 -6.11 -25.99
C ASP B 155 -2.95 -6.19 -25.91
N SER B 156 -3.49 -5.71 -24.78
CA SER B 156 -2.93 -4.46 -24.20
C SER B 156 -1.61 -4.69 -23.39
N VAL B 157 -1.12 -5.94 -23.33
CA VAL B 157 0.10 -6.35 -22.63
C VAL B 157 0.99 -7.02 -23.67
N LYS B 158 2.11 -6.35 -23.96
CA LYS B 158 3.03 -6.79 -25.00
C LYS B 158 4.44 -6.89 -24.49
N ARG B 159 5.17 -7.94 -24.89
CA ARG B 159 6.51 -8.02 -24.44
C ARG B 159 7.25 -6.78 -24.93
N TYR B 160 8.11 -6.20 -24.07
CA TYR B 160 8.78 -4.92 -24.36
C TYR B 160 10.11 -5.09 -25.09
N LYS B 161 10.81 -6.16 -24.71
CA LYS B 161 12.14 -6.55 -25.22
C LYS B 161 12.29 -8.07 -25.11
#